data_4IM9
#
_entry.id   4IM9
#
_cell.length_a   68.412
_cell.length_b   73.779
_cell.length_c   132.653
_cell.angle_alpha   90.00
_cell.angle_beta   90.00
_cell.angle_gamma   90.00
#
_symmetry.space_group_name_H-M   'P 21 21 21'
#
loop_
_entity.id
_entity.type
_entity.pdbx_description
1 polymer 'DNA primase'
2 water water
#
_entity_poly.entity_id   1
_entity_poly.type   'polypeptide(L)'
_entity_poly.pdbx_seq_one_letter_code
;NRPAPHKAIKRTP(MSE)RDVIALLIQNPSYAELVPDLASVRHL(MSE)IPGLDTFSEVLEKCRQYPHITTGQLLEHWRD
SKNETLLSRLASWEIPLVEDNQEELFLDSLDKILAQCVEKQIENLQAKERSVGLSTEEKRELQDLILKGLKALEHHHHHH
;
_entity_poly.pdbx_strand_id   A,B,C
#
# COMPACT_ATOMS: atom_id res chain seq x y z
N THR A 12 9.41 -7.93 -11.04
CA THR A 12 8.02 -7.55 -11.45
C THR A 12 7.55 -6.18 -10.90
N PRO A 13 8.41 -5.42 -10.20
CA PRO A 13 8.00 -4.01 -10.01
C PRO A 13 8.03 -3.24 -11.34
N MSE A 14 8.76 -3.76 -12.32
CA MSE A 14 8.78 -3.20 -13.66
C MSE A 14 7.44 -3.47 -14.33
O MSE A 14 6.73 -2.53 -14.70
CB MSE A 14 9.97 -3.74 -14.46
CG MSE A 14 10.03 -3.16 -15.89
SE MSE A 14 10.43 -1.21 -15.90
CE MSE A 14 12.36 -1.52 -15.80
N ARG A 15 7.06 -4.75 -14.48
CA ARG A 15 5.74 -5.12 -15.01
C ARG A 15 4.58 -4.47 -14.25
N ASP A 16 4.75 -4.29 -12.94
CA ASP A 16 3.78 -3.54 -12.15
C ASP A 16 3.61 -2.13 -12.65
N VAL A 17 4.75 -1.45 -12.87
CA VAL A 17 4.73 -0.06 -13.25
C VAL A 17 4.19 0.06 -14.68
N ILE A 18 4.56 -0.88 -15.53
CA ILE A 18 3.97 -0.92 -16.88
C ILE A 18 2.44 -1.14 -16.83
N ALA A 19 2.00 -2.12 -16.04
CA ALA A 19 0.57 -2.43 -15.95
C ALA A 19 -0.22 -1.24 -15.43
N LEU A 20 0.29 -0.61 -14.38
CA LEU A 20 -0.38 0.56 -13.82
C LEU A 20 -0.50 1.77 -14.77
N LEU A 21 0.55 2.01 -15.53
CA LEU A 21 0.56 3.09 -16.51
C LEU A 21 -0.39 2.82 -17.69
N ILE A 22 -0.44 1.57 -18.15
CA ILE A 22 -1.41 1.22 -19.21
C ILE A 22 -2.84 1.41 -18.73
N GLN A 23 -3.07 1.08 -17.47
CA GLN A 23 -4.40 1.14 -16.90
C GLN A 23 -4.78 2.57 -16.61
N ASN A 24 -3.76 3.40 -16.37
CA ASN A 24 -3.95 4.83 -16.10
C ASN A 24 -2.93 5.71 -16.86
N PRO A 25 -3.17 5.90 -18.17
CA PRO A 25 -2.29 6.68 -19.02
C PRO A 25 -1.92 8.07 -18.44
N SER A 26 -2.83 8.68 -17.68
CA SER A 26 -2.59 9.95 -16.95
C SER A 26 -1.32 9.97 -16.18
N TYR A 27 -1.02 8.83 -15.55
CA TYR A 27 0.09 8.74 -14.63
C TYR A 27 1.45 9.12 -15.27
N ALA A 28 1.46 9.31 -16.59
CA ALA A 28 2.69 9.71 -17.29
C ALA A 28 3.19 11.06 -16.76
N GLU A 29 2.25 11.97 -16.49
CA GLU A 29 2.58 13.24 -15.82
C GLU A 29 3.48 13.09 -14.61
N LEU A 30 3.28 12.02 -13.87
CA LEU A 30 4.01 11.80 -12.63
C LEU A 30 5.42 11.26 -12.87
N VAL A 31 5.73 10.87 -14.10
CA VAL A 31 7.04 10.30 -14.40
C VAL A 31 7.99 11.42 -14.83
N PRO A 32 9.17 11.50 -14.20
CA PRO A 32 10.15 12.52 -14.60
C PRO A 32 10.75 12.15 -15.93
N ASP A 33 11.32 13.13 -16.62
CA ASP A 33 12.03 12.88 -17.87
C ASP A 33 13.02 11.72 -17.70
N LEU A 34 12.91 10.69 -18.54
CA LEU A 34 13.79 9.55 -18.42
C LEU A 34 14.89 9.52 -19.47
N ALA A 35 14.94 10.54 -20.31
CA ALA A 35 15.93 10.60 -21.40
C ALA A 35 17.31 10.18 -20.93
N SER A 36 17.72 10.61 -19.75
CA SER A 36 19.11 10.33 -19.38
C SER A 36 19.36 8.92 -18.90
N VAL A 37 18.31 8.15 -18.66
CA VAL A 37 18.51 6.76 -18.23
C VAL A 37 17.93 5.71 -19.19
N ARG A 38 17.26 6.14 -20.24
CA ARG A 38 16.49 5.19 -21.07
C ARG A 38 17.34 4.19 -21.83
N HIS A 39 18.65 4.46 -21.95
CA HIS A 39 19.58 3.55 -22.62
C HIS A 39 19.88 2.33 -21.78
N LEU A 40 19.62 2.36 -20.48
CA LEU A 40 20.11 1.29 -19.61
C LEU A 40 19.46 -0.05 -19.99
N MSE A 41 20.24 -1.13 -19.92
CA MSE A 41 19.74 -2.46 -20.26
C MSE A 41 19.16 -3.11 -19.00
O MSE A 41 19.74 -4.01 -18.40
CB MSE A 41 20.84 -3.34 -20.95
CG MSE A 41 21.22 -2.95 -22.40
SE MSE A 41 19.83 -2.59 -23.54
CE MSE A 41 20.67 -2.10 -25.05
N ILE A 42 18.05 -2.55 -18.55
CA ILE A 42 17.29 -3.11 -17.46
C ILE A 42 16.05 -3.73 -18.12
N PRO A 43 15.82 -5.03 -17.89
CA PRO A 43 14.69 -5.72 -18.58
C PRO A 43 13.36 -4.95 -18.39
N GLY A 44 12.67 -4.68 -19.50
CA GLY A 44 11.35 -4.04 -19.47
C GLY A 44 11.38 -2.52 -19.58
N LEU A 45 12.55 -1.94 -19.31
CA LEU A 45 12.70 -0.50 -19.36
C LEU A 45 12.30 0.03 -20.74
N ASP A 46 12.69 -0.71 -21.77
CA ASP A 46 12.34 -0.36 -23.15
C ASP A 46 10.82 -0.40 -23.42
N THR A 47 10.13 -1.43 -22.91
CA THR A 47 8.67 -1.53 -23.03
C THR A 47 8.05 -0.36 -22.29
N PHE A 48 8.50 -0.17 -21.05
CA PHE A 48 8.07 1.01 -20.30
C PHE A 48 8.22 2.32 -21.08
N SER A 49 9.40 2.59 -21.64
CA SER A 49 9.62 3.85 -22.39
C SER A 49 8.68 3.97 -23.54
N GLU A 50 8.51 2.86 -24.29
CA GLU A 50 7.65 2.92 -25.48
C GLU A 50 6.20 3.19 -25.08
N VAL A 51 5.76 2.69 -23.92
CA VAL A 51 4.41 2.99 -23.45
C VAL A 51 4.30 4.43 -22.97
N LEU A 52 5.25 4.84 -22.13
CA LEU A 52 5.34 6.23 -21.67
C LEU A 52 5.30 7.24 -22.81
N GLU A 53 5.99 6.92 -23.89
CA GLU A 53 6.05 7.83 -25.03
C GLU A 53 4.67 8.14 -25.60
N LYS A 54 3.85 7.10 -25.85
CA LYS A 54 2.48 7.31 -26.35
C LYS A 54 1.63 7.99 -25.31
N CYS A 55 1.82 7.66 -24.04
CA CYS A 55 1.01 8.35 -23.03
C CYS A 55 1.36 9.82 -23.00
N ARG A 56 2.63 10.14 -23.30
CA ARG A 56 3.08 11.52 -23.37
C ARG A 56 2.46 12.28 -24.54
N GLN A 57 2.40 11.67 -25.73
CA GLN A 57 1.72 12.31 -26.87
C GLN A 57 0.21 12.40 -26.76
N TYR A 58 -0.42 11.52 -25.97
CA TYR A 58 -1.88 11.51 -25.91
C TYR A 58 -2.34 11.51 -24.47
N PRO A 59 -2.24 12.68 -23.80
CA PRO A 59 -2.41 12.71 -22.34
C PRO A 59 -3.78 12.20 -21.84
N HIS A 60 -4.85 12.41 -22.62
CA HIS A 60 -6.17 11.95 -22.15
C HIS A 60 -6.62 10.63 -22.73
N ILE A 61 -5.69 9.85 -23.25
CA ILE A 61 -6.07 8.59 -23.88
C ILE A 61 -6.67 7.58 -22.87
N THR A 62 -7.59 6.74 -23.34
CA THR A 62 -8.04 5.61 -22.54
C THR A 62 -7.15 4.42 -22.77
N THR A 63 -7.22 3.49 -21.81
CA THR A 63 -6.53 2.23 -21.92
C THR A 63 -6.84 1.58 -23.24
N GLY A 64 -8.14 1.49 -23.56
CA GLY A 64 -8.59 0.82 -24.78
C GLY A 64 -8.00 1.51 -26.00
N GLN A 65 -8.11 2.84 -26.07
CA GLN A 65 -7.56 3.57 -27.20
C GLN A 65 -6.04 3.37 -27.30
N LEU A 66 -5.38 3.29 -26.14
CA LEU A 66 -3.94 3.10 -26.11
C LEU A 66 -3.51 1.75 -26.72
N LEU A 67 -4.20 0.68 -26.35
CA LEU A 67 -3.84 -0.63 -26.88
C LEU A 67 -3.89 -0.69 -28.38
N GLU A 68 -4.76 0.10 -29.01
CA GLU A 68 -4.88 0.05 -30.48
C GLU A 68 -3.56 0.42 -31.17
N HIS A 69 -2.69 1.14 -30.46
CA HIS A 69 -1.42 1.55 -31.04
C HIS A 69 -0.43 0.44 -31.14
N TRP A 70 -0.76 -0.69 -30.53
CA TRP A 70 0.08 -1.87 -30.60
C TRP A 70 -0.52 -2.97 -31.41
N ARG A 71 -1.50 -2.65 -32.24
CA ARG A 71 -2.10 -3.65 -33.13
C ARG A 71 -1.05 -4.28 -34.02
N ASP A 72 -0.91 -5.60 -33.92
CA ASP A 72 -0.01 -6.36 -34.81
C ASP A 72 1.46 -6.02 -34.56
N SER A 73 1.78 -5.70 -33.31
CA SER A 73 3.13 -5.34 -32.93
C SER A 73 3.71 -6.36 -31.99
N LYS A 74 5.03 -6.35 -31.94
CA LYS A 74 5.82 -7.14 -31.00
C LYS A 74 5.14 -7.41 -29.63
N ASN A 75 4.79 -6.34 -28.91
CA ASN A 75 4.28 -6.44 -27.52
C ASN A 75 2.74 -6.43 -27.30
N GLU A 76 1.96 -6.55 -28.36
CA GLU A 76 0.51 -6.50 -28.25
C GLU A 76 -0.04 -7.45 -27.19
N THR A 77 0.38 -8.70 -27.28
CA THR A 77 -0.11 -9.72 -26.39
C THR A 77 0.24 -9.37 -24.94
N LEU A 78 1.51 -9.03 -24.70
CA LEU A 78 1.98 -8.68 -23.36
C LEU A 78 1.21 -7.50 -22.80
N LEU A 79 0.99 -6.50 -23.63
CA LEU A 79 0.36 -5.28 -23.20
C LEU A 79 -1.12 -5.47 -22.94
N SER A 80 -1.79 -6.29 -23.76
CA SER A 80 -3.21 -6.65 -23.54
C SER A 80 -3.39 -7.34 -22.21
N ARG A 81 -2.52 -8.29 -21.91
CA ARG A 81 -2.59 -9.01 -20.67
C ARG A 81 -2.40 -8.02 -19.51
N LEU A 82 -1.31 -7.23 -19.56
CA LEU A 82 -1.02 -6.29 -18.48
C LEU A 82 -2.13 -5.25 -18.28
N ALA A 83 -2.95 -5.02 -19.31
CA ALA A 83 -4.03 -4.08 -19.16
C ALA A 83 -5.07 -4.55 -18.12
N SER A 84 -5.04 -5.85 -17.78
CA SER A 84 -5.95 -6.43 -16.79
C SER A 84 -5.24 -6.83 -15.50
N TRP A 85 -3.92 -6.81 -15.51
CA TRP A 85 -3.10 -7.36 -14.43
C TRP A 85 -3.36 -6.70 -13.10
N GLU A 86 -3.99 -7.47 -12.21
CA GLU A 86 -4.29 -7.06 -10.83
C GLU A 86 -5.04 -5.78 -10.63
N ILE A 87 -6.07 -5.51 -11.43
CA ILE A 87 -6.93 -4.36 -11.18
C ILE A 87 -7.78 -4.70 -9.96
N PRO A 88 -7.74 -3.86 -8.91
CA PRO A 88 -8.51 -4.19 -7.73
C PRO A 88 -9.92 -3.68 -7.86
N LEU A 89 -10.80 -4.20 -7.01
CA LEU A 89 -12.22 -3.87 -7.03
C LEU A 89 -12.43 -2.40 -6.77
N VAL A 90 -11.68 -1.87 -5.79
CA VAL A 90 -11.74 -0.43 -5.46
C VAL A 90 -10.42 0.28 -5.78
N GLU A 91 -10.53 1.34 -6.58
CA GLU A 91 -9.39 2.04 -7.22
C GLU A 91 -8.68 3.08 -6.38
N ASP A 92 -9.09 3.22 -5.13
CA ASP A 92 -8.66 4.35 -4.28
C ASP A 92 -7.17 4.68 -4.29
N ASN A 93 -6.36 3.66 -4.05
CA ASN A 93 -4.96 3.86 -3.83
C ASN A 93 -4.08 3.44 -5.03
N GLN A 94 -4.55 3.71 -6.25
CA GLN A 94 -3.81 3.29 -7.46
C GLN A 94 -2.54 4.13 -7.72
N GLU A 95 -2.70 5.45 -7.60
CA GLU A 95 -1.62 6.42 -7.66
C GLU A 95 -0.48 6.12 -6.72
N GLU A 96 -0.79 5.91 -5.44
CA GLU A 96 0.22 5.63 -4.44
C GLU A 96 0.97 4.37 -4.77
N LEU A 97 0.25 3.37 -5.24
CA LEU A 97 0.94 2.15 -5.62
C LEU A 97 1.85 2.36 -6.83
N PHE A 98 1.49 3.27 -7.71
CA PHE A 98 2.28 3.54 -8.89
C PHE A 98 3.57 4.27 -8.49
N LEU A 99 3.41 5.46 -7.92
CA LEU A 99 4.51 6.24 -7.34
C LEU A 99 5.51 5.37 -6.60
N ASP A 100 4.99 4.51 -5.75
CA ASP A 100 5.80 3.62 -4.92
C ASP A 100 6.59 2.61 -5.76
N SER A 101 5.98 2.09 -6.82
CA SER A 101 6.64 1.09 -7.65
C SER A 101 7.59 1.77 -8.63
N LEU A 102 7.16 2.94 -9.12
CA LEU A 102 8.01 3.81 -9.92
C LEU A 102 9.35 4.11 -9.22
N ASP A 103 9.28 4.56 -7.96
CA ASP A 103 10.47 4.88 -7.17
C ASP A 103 11.46 3.74 -7.12
N LYS A 104 10.97 2.51 -6.99
CA LYS A 104 11.87 1.37 -6.96
C LYS A 104 12.65 1.20 -8.26
N ILE A 105 11.97 1.45 -9.37
CA ILE A 105 12.53 1.34 -10.72
C ILE A 105 13.49 2.52 -10.99
N LEU A 106 13.08 3.71 -10.58
CA LEU A 106 13.93 4.88 -10.67
C LEU A 106 15.23 4.69 -9.89
N ALA A 107 15.13 4.19 -8.67
CA ALA A 107 16.32 3.98 -7.85
C ALA A 107 17.20 2.94 -8.53
N GLN A 108 16.57 2.03 -9.25
CA GLN A 108 17.34 1.01 -9.92
C GLN A 108 18.11 1.63 -11.10
N CYS A 109 17.55 2.64 -11.74
CA CYS A 109 18.15 3.27 -12.89
C CYS A 109 19.32 4.13 -12.42
N VAL A 110 19.03 4.96 -11.43
CA VAL A 110 20.04 5.78 -10.77
C VAL A 110 21.25 4.93 -10.41
N GLU A 111 21.02 3.85 -9.67
CA GLU A 111 22.13 3.04 -9.22
C GLU A 111 22.96 2.52 -10.39
N LYS A 112 22.28 2.00 -11.42
CA LYS A 112 22.98 1.44 -12.58
C LYS A 112 23.71 2.50 -13.42
N GLN A 113 23.14 3.69 -13.50
CA GLN A 113 23.81 4.75 -14.22
C GLN A 113 25.05 5.28 -13.48
N ILE A 114 25.01 5.26 -12.15
CA ILE A 114 26.15 5.61 -11.30
C ILE A 114 27.27 4.60 -11.53
N GLU A 115 26.92 3.31 -11.56
CA GLU A 115 27.90 2.28 -11.84
C GLU A 115 28.52 2.46 -13.24
N ASN A 116 27.72 2.81 -14.25
CA ASN A 116 28.24 2.93 -15.59
C ASN A 116 29.19 4.13 -15.67
N LEU A 117 28.76 5.27 -15.13
CA LEU A 117 29.60 6.46 -15.14
C LEU A 117 30.92 6.19 -14.41
N GLN A 118 30.83 5.60 -13.22
CA GLN A 118 32.02 5.23 -12.48
C GLN A 118 32.94 4.28 -13.22
N ALA A 119 32.36 3.35 -13.99
CA ALA A 119 33.17 2.38 -14.76
C ALA A 119 33.96 3.14 -15.82
N LYS A 120 33.29 4.07 -16.48
CA LYS A 120 33.91 4.83 -17.53
C LYS A 120 34.97 5.77 -16.92
N GLU A 121 34.73 6.23 -15.70
CA GLU A 121 35.68 7.09 -15.00
C GLU A 121 36.99 6.37 -14.77
N ARG A 122 36.92 5.13 -14.29
CA ARG A 122 38.10 4.31 -14.10
C ARG A 122 38.77 4.08 -15.43
N SER A 123 37.94 3.79 -16.42
CA SER A 123 38.43 3.30 -17.69
C SER A 123 39.06 4.39 -18.55
N VAL A 124 38.31 5.43 -18.90
CA VAL A 124 38.85 6.45 -19.79
C VAL A 124 38.70 7.87 -19.24
N GLY A 125 38.10 7.99 -18.07
CA GLY A 125 37.81 9.31 -17.55
C GLY A 125 36.53 9.88 -18.13
N LEU A 126 36.00 10.87 -17.44
CA LEU A 126 34.74 11.50 -17.73
C LEU A 126 34.93 12.91 -18.28
N SER A 127 33.97 13.36 -19.07
CA SER A 127 33.89 14.72 -19.49
C SER A 127 33.27 15.49 -18.32
N THR A 128 33.15 16.82 -18.45
CA THR A 128 32.68 17.62 -17.34
C THR A 128 31.18 17.48 -17.23
N GLU A 129 30.53 17.23 -18.35
CA GLU A 129 29.09 17.00 -18.35
C GLU A 129 28.77 15.69 -17.60
N GLU A 130 29.48 14.61 -17.94
CA GLU A 130 29.30 13.33 -17.29
C GLU A 130 29.58 13.40 -15.79
N LYS A 131 30.60 14.14 -15.42
CA LYS A 131 30.91 14.30 -14.01
C LYS A 131 29.84 15.10 -13.25
N ARG A 132 29.26 16.15 -13.85
CA ARG A 132 28.20 16.89 -13.15
C ARG A 132 27.03 15.95 -12.98
N GLU A 133 26.76 15.15 -14.01
CA GLU A 133 25.70 14.16 -13.97
C GLU A 133 25.92 13.11 -12.89
N LEU A 134 27.11 12.51 -12.88
CA LEU A 134 27.42 11.52 -11.87
C LEU A 134 27.18 12.06 -10.48
N GLN A 135 27.59 13.28 -10.21
CA GLN A 135 27.36 13.78 -8.86
C GLN A 135 25.93 14.20 -8.54
N ASP A 136 25.22 14.72 -9.53
CA ASP A 136 23.78 14.96 -9.40
C ASP A 136 23.02 13.69 -9.05
N LEU A 137 23.34 12.59 -9.74
CA LEU A 137 22.78 11.27 -9.41
C LEU A 137 23.03 10.83 -7.97
N ILE A 138 24.26 11.04 -7.47
CA ILE A 138 24.60 10.72 -6.06
C ILE A 138 23.88 11.67 -5.10
N LEU A 139 23.82 12.94 -5.47
CA LEU A 139 23.25 13.96 -4.59
C LEU A 139 21.73 13.77 -4.44
N LYS A 140 21.01 13.75 -5.54
CA LYS A 140 19.56 13.74 -5.44
C LYS A 140 18.82 12.53 -6.01
N GLY A 141 19.55 11.48 -6.39
CA GLY A 141 18.91 10.33 -7.04
C GLY A 141 18.03 10.81 -8.18
N LEU A 142 16.80 10.31 -8.23
CA LEU A 142 15.81 10.73 -9.23
C LEU A 142 14.42 10.33 -8.72
N LYS A 143 13.50 11.29 -8.54
CA LYS A 143 13.74 12.74 -8.69
C LYS A 143 13.86 13.14 -10.18
N ARG B 11 -23.98 -1.75 -6.51
CA ARG B 11 -23.30 -1.42 -7.79
C ARG B 11 -22.96 -2.69 -8.58
N THR B 12 -21.74 -3.18 -8.39
CA THR B 12 -21.24 -4.36 -9.11
C THR B 12 -21.95 -5.61 -8.59
N PRO B 13 -22.14 -6.60 -9.45
CA PRO B 13 -22.49 -7.94 -8.98
C PRO B 13 -21.40 -8.43 -8.02
N MSE B 14 -20.15 -8.06 -8.31
CA MSE B 14 -19.00 -8.49 -7.51
C MSE B 14 -19.08 -7.89 -6.14
O MSE B 14 -18.79 -8.56 -5.16
CB MSE B 14 -17.65 -8.19 -8.19
CG MSE B 14 -16.44 -8.82 -7.50
SE MSE B 14 -16.47 -10.80 -7.39
CE MSE B 14 -16.06 -11.30 -9.26
N ARG B 15 -19.44 -6.62 -6.06
CA ARG B 15 -19.55 -5.98 -4.76
C ARG B 15 -20.69 -6.59 -3.96
N ASP B 16 -21.83 -6.83 -4.62
CA ASP B 16 -23.00 -7.41 -3.97
C ASP B 16 -22.60 -8.75 -3.38
N VAL B 17 -21.96 -9.53 -4.24
CA VAL B 17 -21.59 -10.89 -3.94
C VAL B 17 -20.69 -11.01 -2.71
N ILE B 18 -19.69 -10.13 -2.61
CA ILE B 18 -18.76 -10.15 -1.48
C ILE B 18 -19.45 -9.64 -0.21
N ALA B 19 -20.20 -8.55 -0.37
CA ALA B 19 -20.95 -7.97 0.73
C ALA B 19 -21.90 -8.99 1.35
N LEU B 20 -22.68 -9.66 0.51
CA LEU B 20 -23.72 -10.56 1.00
C LEU B 20 -23.12 -11.78 1.64
N LEU B 21 -21.99 -12.22 1.10
CA LEU B 21 -21.27 -13.36 1.65
C LEU B 21 -20.74 -13.03 3.02
N ILE B 22 -20.16 -11.84 3.16
CA ILE B 22 -19.62 -11.39 4.43
C ILE B 22 -20.72 -11.27 5.50
N GLN B 23 -21.89 -10.81 5.07
CA GLN B 23 -23.03 -10.65 5.97
C GLN B 23 -23.74 -11.97 6.21
N ASN B 24 -23.50 -12.96 5.33
CA ASN B 24 -24.10 -14.27 5.46
C ASN B 24 -23.11 -15.35 5.07
N PRO B 25 -22.11 -15.60 5.94
CA PRO B 25 -21.04 -16.54 5.68
C PRO B 25 -21.54 -17.91 5.26
N SER B 26 -22.77 -18.26 5.64
CA SER B 26 -23.26 -19.61 5.30
C SER B 26 -23.77 -19.70 3.88
N TYR B 27 -23.80 -18.58 3.17
CA TYR B 27 -24.01 -18.58 1.73
C TYR B 27 -22.86 -19.29 0.97
N ALA B 28 -21.70 -19.42 1.59
CA ALA B 28 -20.61 -20.17 0.95
C ALA B 28 -21.09 -21.53 0.43
N GLU B 29 -21.97 -22.18 1.20
CA GLU B 29 -22.51 -23.48 0.81
C GLU B 29 -23.18 -23.38 -0.53
N LEU B 30 -23.57 -22.17 -0.93
CA LEU B 30 -24.26 -22.02 -2.20
C LEU B 30 -23.30 -21.89 -3.40
N VAL B 31 -22.00 -21.68 -3.14
CA VAL B 31 -21.04 -21.36 -4.23
C VAL B 31 -20.39 -22.61 -4.82
N PRO B 32 -20.39 -22.75 -6.14
CA PRO B 32 -19.74 -23.92 -6.74
C PRO B 32 -18.23 -23.86 -6.56
N ASP B 33 -17.56 -24.99 -6.81
CA ASP B 33 -16.09 -25.06 -6.82
C ASP B 33 -15.57 -24.08 -7.85
N LEU B 34 -14.75 -23.15 -7.38
CA LEU B 34 -14.25 -22.12 -8.26
C LEU B 34 -12.80 -22.37 -8.62
N ALA B 35 -12.26 -23.51 -8.20
CA ALA B 35 -10.83 -23.80 -8.37
C ALA B 35 -10.32 -23.60 -9.80
N SER B 36 -11.12 -23.98 -10.79
CA SER B 36 -10.67 -23.93 -12.16
C SER B 36 -10.71 -22.52 -12.79
N VAL B 37 -11.20 -21.52 -12.05
CA VAL B 37 -11.30 -20.12 -12.56
C VAL B 37 -10.80 -19.08 -11.56
N ARG B 38 -10.38 -19.55 -10.39
CA ARG B 38 -9.79 -18.73 -9.29
C ARG B 38 -8.74 -17.69 -9.74
N HIS B 39 -7.91 -18.10 -10.69
CA HIS B 39 -6.78 -17.32 -11.17
C HIS B 39 -7.17 -16.17 -12.11
N LEU B 40 -8.42 -16.08 -12.52
CA LEU B 40 -8.76 -15.18 -13.61
C LEU B 40 -8.53 -13.76 -13.18
N MSE B 41 -8.11 -12.92 -14.13
N MSE B 41 -8.08 -12.91 -14.09
CA MSE B 41 -7.82 -11.52 -13.86
CA MSE B 41 -7.78 -11.53 -13.71
C MSE B 41 -9.14 -10.80 -13.84
C MSE B 41 -9.06 -10.75 -13.78
O MSE B 41 -9.51 -10.17 -14.82
O MSE B 41 -9.33 -10.04 -14.74
CB MSE B 41 -6.86 -10.90 -14.89
CB MSE B 41 -6.63 -10.91 -14.51
CG MSE B 41 -5.38 -11.21 -14.60
CG MSE B 41 -5.29 -11.50 -14.05
SE MSE B 41 -4.16 -10.43 -15.98
SE MSE B 41 -4.67 -10.80 -12.31
CE MSE B 41 -4.88 -11.36 -17.57
CE MSE B 41 -6.26 -11.15 -11.20
N ILE B 42 -9.87 -10.92 -12.74
CA ILE B 42 -11.16 -10.25 -12.60
C ILE B 42 -11.25 -9.46 -11.29
N PRO B 43 -11.57 -8.16 -11.40
CA PRO B 43 -11.45 -7.36 -10.18
C PRO B 43 -12.39 -7.90 -9.10
N GLY B 44 -11.82 -8.19 -7.93
CA GLY B 44 -12.57 -8.67 -6.76
C GLY B 44 -12.63 -10.18 -6.60
N LEU B 45 -12.34 -10.90 -7.66
CA LEU B 45 -12.36 -12.35 -7.61
C LEU B 45 -11.44 -12.94 -6.53
N ASP B 46 -10.20 -12.46 -6.44
CA ASP B 46 -9.27 -12.98 -5.43
C ASP B 46 -9.76 -12.69 -4.01
N THR B 47 -10.35 -11.52 -3.80
CA THR B 47 -10.95 -11.17 -2.51
C THR B 47 -12.14 -12.09 -2.20
N PHE B 48 -13.02 -12.26 -3.18
CA PHE B 48 -14.13 -13.17 -3.05
C PHE B 48 -13.62 -14.57 -2.65
N SER B 49 -12.68 -15.13 -3.43
CA SER B 49 -12.07 -16.42 -3.05
C SER B 49 -11.59 -16.48 -1.62
N GLU B 50 -10.90 -15.43 -1.17
CA GLU B 50 -10.32 -15.41 0.18
C GLU B 50 -11.37 -15.46 1.28
N VAL B 51 -12.47 -14.71 1.08
CA VAL B 51 -13.60 -14.77 1.98
C VAL B 51 -14.22 -16.16 1.93
N LEU B 52 -14.35 -16.71 0.73
CA LEU B 52 -14.93 -18.01 0.53
C LEU B 52 -14.16 -19.11 1.23
N GLU B 53 -12.84 -19.08 1.13
CA GLU B 53 -12.00 -20.06 1.77
C GLU B 53 -12.21 -20.05 3.29
N LYS B 54 -12.28 -18.86 3.88
CA LYS B 54 -12.55 -18.73 5.31
C LYS B 54 -13.92 -19.29 5.67
N CYS B 55 -14.92 -18.99 4.86
CA CYS B 55 -16.29 -19.48 5.11
C CYS B 55 -16.38 -21.00 4.96
N ARG B 56 -15.59 -21.55 4.05
CA ARG B 56 -15.57 -23.00 3.90
C ARG B 56 -14.84 -23.65 5.09
N GLN B 57 -13.70 -23.07 5.49
CA GLN B 57 -12.95 -23.47 6.69
C GLN B 57 -13.77 -23.40 8.00
N TYR B 58 -14.52 -22.31 8.21
CA TYR B 58 -15.28 -22.16 9.44
C TYR B 58 -16.73 -21.99 9.12
N PRO B 59 -17.43 -23.10 8.86
CA PRO B 59 -18.79 -23.04 8.29
C PRO B 59 -19.88 -22.42 9.18
N HIS B 60 -19.61 -22.25 10.47
CA HIS B 60 -20.59 -21.60 11.35
C HIS B 60 -20.15 -20.23 11.81
N ILE B 61 -19.06 -19.72 11.23
CA ILE B 61 -18.46 -18.45 11.62
C ILE B 61 -19.47 -17.29 11.52
N THR B 62 -19.37 -16.28 12.40
CA THR B 62 -20.22 -15.10 12.28
C THR B 62 -19.57 -14.01 11.43
N THR B 63 -20.36 -13.03 11.02
CA THR B 63 -19.83 -11.89 10.29
C THR B 63 -18.66 -11.21 11.03
N GLY B 64 -18.82 -10.97 12.32
CA GLY B 64 -17.79 -10.32 13.15
C GLY B 64 -16.51 -11.14 13.29
N GLN B 65 -16.68 -12.46 13.42
CA GLN B 65 -15.51 -13.33 13.64
C GLN B 65 -14.74 -13.40 12.33
N LEU B 66 -15.47 -13.39 11.22
CA LEU B 66 -14.88 -13.46 9.88
C LEU B 66 -14.03 -12.20 9.60
N LEU B 67 -14.55 -11.03 9.91
CA LEU B 67 -13.72 -9.80 9.74
C LEU B 67 -12.47 -9.81 10.63
N GLU B 68 -12.51 -10.48 11.78
CA GLU B 68 -11.29 -10.55 12.59
C GLU B 68 -10.12 -11.12 11.80
N HIS B 69 -10.39 -11.98 10.81
CA HIS B 69 -9.30 -12.58 9.99
C HIS B 69 -8.57 -11.61 9.13
N TRP B 70 -9.05 -10.37 9.12
CA TRP B 70 -8.52 -9.31 8.25
C TRP B 70 -7.94 -8.16 9.02
N ARG B 71 -7.85 -8.32 10.33
CA ARG B 71 -7.32 -7.32 11.24
C ARG B 71 -5.96 -6.86 10.76
N ASP B 72 -5.80 -5.54 10.66
CA ASP B 72 -4.52 -4.89 10.35
C ASP B 72 -3.83 -5.48 9.12
N SER B 73 -4.46 -5.25 7.98
CA SER B 73 -4.02 -5.69 6.67
C SER B 73 -5.01 -5.11 5.66
N LYS B 74 -4.57 -4.82 4.44
CA LYS B 74 -5.56 -4.55 3.43
C LYS B 74 -5.98 -5.94 2.98
N ASN B 75 -7.27 -6.17 2.77
CA ASN B 75 -8.28 -5.10 2.61
C ASN B 75 -9.25 -4.87 3.78
N GLU B 76 -8.72 -4.63 4.98
CA GLU B 76 -9.56 -4.42 6.14
C GLU B 76 -10.66 -3.38 5.90
N THR B 77 -10.28 -2.21 5.38
CA THR B 77 -11.23 -1.12 5.15
C THR B 77 -12.34 -1.49 4.17
N LEU B 78 -11.94 -2.08 3.05
CA LEU B 78 -12.93 -2.48 2.03
C LEU B 78 -13.96 -3.48 2.57
N LEU B 79 -13.47 -4.51 3.25
CA LEU B 79 -14.35 -5.54 3.78
C LEU B 79 -15.26 -4.98 4.83
N SER B 80 -14.71 -4.03 5.60
CA SER B 80 -15.50 -3.36 6.63
C SER B 80 -16.69 -2.61 6.02
N ARG B 81 -16.47 -1.92 4.92
CA ARG B 81 -17.54 -1.14 4.31
C ARG B 81 -18.59 -2.07 3.69
N LEU B 82 -18.11 -3.11 3.03
CA LEU B 82 -19.02 -4.09 2.44
C LEU B 82 -19.89 -4.78 3.49
N ALA B 83 -19.35 -4.98 4.69
CA ALA B 83 -20.05 -5.71 5.75
C ALA B 83 -21.27 -4.96 6.27
N SER B 84 -21.28 -3.65 6.06
CA SER B 84 -22.34 -2.77 6.55
C SER B 84 -23.28 -2.25 5.46
N TRP B 85 -22.86 -2.35 4.18
CA TRP B 85 -23.76 -2.13 3.02
C TRP B 85 -25.14 -2.66 3.29
N GLU B 86 -26.11 -1.77 3.45
CA GLU B 86 -27.49 -2.21 3.50
C GLU B 86 -27.93 -2.32 2.06
N ILE B 87 -28.38 -3.50 1.67
CA ILE B 87 -28.82 -3.69 0.30
C ILE B 87 -30.27 -4.16 0.30
N PRO B 88 -31.15 -3.47 -0.48
CA PRO B 88 -32.56 -3.80 -0.79
C PRO B 88 -32.85 -5.30 -0.95
N LEU B 89 -34.05 -5.82 -0.58
CA LEU B 89 -35.22 -5.09 -0.06
C LEU B 89 -36.10 -4.50 -1.17
N ASN B 93 -35.99 -11.54 -1.47
CA ASN B 93 -35.04 -11.70 -0.38
C ASN B 93 -33.57 -11.59 -0.79
N GLN B 94 -32.69 -11.63 0.19
CA GLN B 94 -31.28 -11.40 -0.09
C GLN B 94 -30.52 -12.67 -0.49
N GLU B 95 -31.05 -13.83 -0.14
CA GLU B 95 -30.49 -15.06 -0.62
C GLU B 95 -30.71 -15.10 -2.14
N GLU B 96 -31.86 -14.59 -2.57
CA GLU B 96 -32.22 -14.64 -3.98
C GLU B 96 -31.33 -13.67 -4.77
N LEU B 97 -31.03 -12.52 -4.17
CA LEU B 97 -30.14 -11.56 -4.79
C LEU B 97 -28.71 -12.13 -4.88
N PHE B 98 -28.27 -12.76 -3.78
CA PHE B 98 -26.96 -13.37 -3.77
C PHE B 98 -26.81 -14.37 -4.90
N LEU B 99 -27.80 -15.25 -5.07
CA LEU B 99 -27.75 -16.21 -6.16
C LEU B 99 -27.76 -15.57 -7.53
N ASP B 100 -28.45 -14.44 -7.67
CA ASP B 100 -28.56 -13.76 -8.97
C ASP B 100 -27.27 -13.06 -9.39
N SER B 101 -26.73 -12.27 -8.45
CA SER B 101 -25.46 -11.59 -8.59
C SER B 101 -24.32 -12.58 -8.85
N LEU B 102 -24.34 -13.68 -8.11
CA LEU B 102 -23.35 -14.74 -8.28
C LEU B 102 -23.37 -15.29 -9.68
N ASP B 103 -24.57 -15.55 -10.21
CA ASP B 103 -24.72 -15.99 -11.59
C ASP B 103 -24.04 -15.08 -12.59
N LYS B 104 -24.11 -13.78 -12.36
CA LYS B 104 -23.44 -12.81 -13.22
C LYS B 104 -21.92 -12.94 -13.16
N ILE B 105 -21.41 -13.25 -11.98
CA ILE B 105 -19.97 -13.38 -11.78
C ILE B 105 -19.52 -14.65 -12.45
N LEU B 106 -20.24 -15.72 -12.18
CA LEU B 106 -20.00 -17.00 -12.83
C LEU B 106 -19.96 -16.89 -14.35
N ALA B 107 -20.94 -16.19 -14.93
CA ALA B 107 -21.00 -15.98 -16.37
C ALA B 107 -19.76 -15.25 -16.91
N GLN B 108 -19.28 -14.25 -16.18
CA GLN B 108 -18.02 -13.57 -16.58
C GLN B 108 -16.83 -14.51 -16.57
N CYS B 109 -16.69 -15.30 -15.50
CA CYS B 109 -15.62 -16.28 -15.37
C CYS B 109 -15.65 -17.20 -16.55
N VAL B 110 -16.84 -17.62 -16.96
CA VAL B 110 -16.98 -18.54 -18.07
C VAL B 110 -16.51 -17.98 -19.40
N GLU B 111 -16.96 -16.77 -19.73
CA GLU B 111 -16.51 -16.03 -20.93
C GLU B 111 -15.00 -15.86 -20.98
N LYS B 112 -14.42 -15.38 -19.88
CA LYS B 112 -12.97 -15.11 -19.83
C LYS B 112 -12.13 -16.39 -19.97
N GLN B 113 -12.61 -17.49 -19.37
CA GLN B 113 -11.94 -18.79 -19.46
C GLN B 113 -12.05 -19.37 -20.86
N ILE B 114 -13.15 -19.09 -21.55
CA ILE B 114 -13.27 -19.50 -22.94
C ILE B 114 -12.30 -18.64 -23.72
N GLU B 115 -12.27 -17.35 -23.41
CA GLU B 115 -11.34 -16.47 -24.10
C GLU B 115 -9.89 -16.97 -23.97
N ASN B 116 -9.48 -17.36 -22.76
CA ASN B 116 -8.10 -17.75 -22.49
C ASN B 116 -7.78 -19.05 -23.18
N LEU B 117 -8.73 -19.98 -23.13
CA LEU B 117 -8.53 -21.31 -23.70
C LEU B 117 -8.52 -21.21 -25.22
N GLN B 118 -9.42 -20.40 -25.78
CA GLN B 118 -9.36 -20.13 -27.23
C GLN B 118 -8.01 -19.54 -27.66
N ALA B 119 -7.51 -18.60 -26.87
CA ALA B 119 -6.22 -17.93 -27.20
C ALA B 119 -5.08 -18.93 -27.10
N LYS B 120 -5.16 -19.80 -26.10
CA LYS B 120 -4.16 -20.83 -25.95
C LYS B 120 -4.19 -21.89 -27.07
N GLU B 121 -5.39 -22.30 -27.47
CA GLU B 121 -5.60 -23.18 -28.61
C GLU B 121 -5.01 -22.61 -29.89
N ARG B 122 -5.15 -21.31 -30.11
CA ARG B 122 -4.72 -20.67 -31.35
C ARG B 122 -3.21 -20.73 -31.53
N SER B 123 -2.50 -20.61 -30.41
CA SER B 123 -1.07 -20.50 -30.42
C SER B 123 -0.33 -21.82 -30.12
N VAL B 124 -0.48 -22.37 -28.92
CA VAL B 124 0.33 -23.52 -28.57
C VAL B 124 -0.45 -24.82 -28.55
N GLY B 125 -1.75 -24.76 -28.83
CA GLY B 125 -2.65 -25.93 -28.80
C GLY B 125 -3.20 -26.22 -27.41
N LEU B 126 -4.14 -27.16 -27.33
CA LEU B 126 -4.74 -27.58 -26.06
C LEU B 126 -4.50 -29.05 -25.70
N SER B 127 -4.23 -29.35 -24.44
CA SER B 127 -4.29 -30.76 -24.01
C SER B 127 -5.72 -31.32 -24.22
N THR B 128 -5.87 -32.63 -24.19
CA THR B 128 -7.21 -33.21 -24.31
C THR B 128 -8.10 -32.82 -23.14
N GLU B 129 -7.55 -32.79 -21.94
CA GLU B 129 -8.27 -32.25 -20.80
C GLU B 129 -8.76 -30.80 -21.02
N GLU B 130 -7.91 -29.91 -21.54
CA GLU B 130 -8.37 -28.52 -21.69
C GLU B 130 -9.29 -28.36 -22.89
N LYS B 131 -9.14 -29.21 -23.89
CA LYS B 131 -10.11 -29.20 -24.96
C LYS B 131 -11.51 -29.59 -24.42
N ARG B 132 -11.58 -30.65 -23.60
CA ARG B 132 -12.85 -31.02 -22.97
C ARG B 132 -13.45 -29.85 -22.18
N GLU B 133 -12.60 -29.19 -21.39
CA GLU B 133 -13.03 -28.04 -20.62
C GLU B 133 -13.63 -26.95 -21.51
N LEU B 134 -12.92 -26.57 -22.57
CA LEU B 134 -13.45 -25.55 -23.46
C LEU B 134 -14.83 -25.95 -24.02
N GLN B 135 -14.97 -27.19 -24.47
CA GLN B 135 -16.25 -27.58 -25.10
C GLN B 135 -17.33 -27.56 -24.04
N ASP B 136 -16.96 -27.96 -22.84
CA ASP B 136 -17.91 -28.05 -21.75
C ASP B 136 -18.39 -26.65 -21.37
N LEU B 137 -17.46 -25.71 -21.27
CA LEU B 137 -17.79 -24.31 -20.99
C LEU B 137 -18.59 -23.70 -22.13
N ILE B 138 -18.30 -24.10 -23.37
CA ILE B 138 -19.06 -23.58 -24.51
C ILE B 138 -20.50 -24.12 -24.49
N LEU B 139 -20.63 -25.40 -24.16
CA LEU B 139 -21.91 -26.08 -24.13
C LEU B 139 -22.78 -25.67 -22.95
N LYS B 140 -22.25 -25.68 -21.74
CA LYS B 140 -23.09 -25.47 -20.58
C LYS B 140 -23.13 -24.06 -20.05
N GLY B 141 -22.26 -23.19 -20.55
CA GLY B 141 -22.09 -21.86 -19.94
C GLY B 141 -21.83 -21.96 -18.44
N LEU B 142 -22.52 -21.16 -17.63
CA LEU B 142 -22.21 -21.16 -16.21
C LEU B 142 -22.61 -22.45 -15.44
N LYS B 143 -23.40 -23.32 -16.07
CA LYS B 143 -23.74 -24.62 -15.48
C LYS B 143 -22.52 -25.51 -15.41
N ALA B 144 -21.48 -25.13 -16.13
CA ALA B 144 -20.26 -25.92 -16.20
C ALA B 144 -19.46 -25.89 -14.89
N LEU B 145 -19.82 -24.99 -13.98
CA LEU B 145 -19.23 -24.96 -12.64
C LEU B 145 -20.15 -25.58 -11.56
N GLU B 146 -19.66 -26.63 -10.89
CA GLU B 146 -20.42 -27.43 -9.91
C GLU B 146 -19.79 -27.50 -8.50
N HIS B 147 -20.39 -28.25 -7.57
CA HIS B 147 -19.71 -28.55 -6.28
C HIS B 147 -18.64 -29.62 -6.38
N HIS B 148 -17.66 -29.51 -5.49
CA HIS B 148 -16.59 -30.49 -5.28
C HIS B 148 -17.13 -31.89 -5.22
N THR C 12 8.26 3.50 31.69
CA THR C 12 7.77 2.82 30.46
C THR C 12 6.34 3.28 30.28
N PRO C 13 5.83 3.33 29.03
CA PRO C 13 6.64 3.45 27.82
C PRO C 13 7.01 4.93 27.57
N MSE C 14 6.73 5.81 28.52
CA MSE C 14 7.31 7.17 28.53
C MSE C 14 8.81 7.04 28.76
O MSE C 14 9.61 7.64 28.02
CB MSE C 14 6.67 8.11 29.57
CG MSE C 14 7.27 9.53 29.58
SE MSE C 14 6.95 10.55 27.91
CE MSE C 14 5.11 11.17 28.17
N ARG C 15 9.19 6.25 29.76
CA ARG C 15 10.59 6.00 30.06
C ARG C 15 11.30 5.33 28.89
N ASP C 16 10.63 4.36 28.27
CA ASP C 16 11.13 3.72 27.07
C ASP C 16 11.42 4.72 25.95
N VAL C 17 10.44 5.59 25.68
CA VAL C 17 10.60 6.53 24.59
C VAL C 17 11.78 7.46 24.86
N ILE C 18 11.91 7.93 26.09
CA ILE C 18 13.00 8.80 26.47
C ILE C 18 14.34 8.05 26.36
N ALA C 19 14.42 6.87 26.98
CA ALA C 19 15.62 6.04 26.88
C ALA C 19 16.03 5.89 25.41
N LEU C 20 15.11 5.43 24.58
CA LEU C 20 15.44 5.07 23.20
C LEU C 20 15.87 6.27 22.38
N LEU C 21 15.44 7.44 22.80
CA LEU C 21 15.77 8.65 22.09
C LEU C 21 17.16 9.08 22.48
N ILE C 22 17.47 9.04 23.77
CA ILE C 22 18.81 9.29 24.28
C ILE C 22 19.79 8.31 23.63
N GLN C 23 19.35 7.09 23.48
CA GLN C 23 20.24 6.08 22.93
C GLN C 23 20.40 6.21 21.44
N ASN C 24 19.36 6.70 20.75
CA ASN C 24 19.43 6.99 19.31
C ASN C 24 18.86 8.36 18.98
N PRO C 25 19.67 9.43 19.15
CA PRO C 25 19.22 10.82 19.04
C PRO C 25 18.56 11.13 17.70
N SER C 26 18.95 10.40 16.66
CA SER C 26 18.43 10.67 15.33
C SER C 26 16.97 10.24 15.19
N TYR C 27 16.46 9.52 16.19
CA TYR C 27 15.03 9.19 16.24
C TYR C 27 14.11 10.42 16.43
N ALA C 28 14.67 11.53 16.91
CA ALA C 28 13.95 12.81 16.98
C ALA C 28 13.11 13.03 15.72
N GLU C 29 13.73 12.77 14.58
CA GLU C 29 13.12 12.97 13.29
C GLU C 29 11.80 12.21 13.13
N LEU C 30 11.63 11.14 13.92
CA LEU C 30 10.40 10.35 13.89
C LEU C 30 9.25 10.94 14.75
N VAL C 31 9.58 11.87 15.62
CA VAL C 31 8.62 12.53 16.48
C VAL C 31 7.96 13.73 15.84
N PRO C 32 6.66 13.74 15.85
CA PRO C 32 5.93 14.85 15.27
C PRO C 32 6.03 16.08 16.17
N ASP C 33 5.41 17.16 15.78
CA ASP C 33 5.41 18.35 16.59
C ASP C 33 4.56 18.19 17.84
N LEU C 34 5.11 18.40 19.03
CA LEU C 34 4.30 18.22 20.16
C LEU C 34 3.76 19.52 20.65
N ALA C 35 3.93 20.58 19.90
CA ALA C 35 3.50 21.91 20.31
C ALA C 35 2.06 21.95 20.87
N SER C 36 1.13 21.33 20.17
CA SER C 36 -0.27 21.40 20.58
C SER C 36 -0.59 20.60 21.86
N VAL C 37 0.32 19.73 22.29
CA VAL C 37 0.08 18.93 23.51
C VAL C 37 1.14 19.09 24.58
N ARG C 38 2.13 19.92 24.28
CA ARG C 38 3.25 20.20 25.18
C ARG C 38 2.85 20.63 26.61
N HIS C 39 1.68 21.24 26.75
CA HIS C 39 1.21 21.80 28.03
C HIS C 39 0.65 20.79 28.98
N LEU C 40 0.32 19.60 28.51
CA LEU C 40 -0.31 18.57 29.35
C LEU C 40 0.59 18.14 30.51
N MSE C 41 -0.03 17.68 31.58
CA MSE C 41 0.70 17.41 32.82
C MSE C 41 1.16 15.98 32.98
O MSE C 41 1.45 15.53 34.09
CB MSE C 41 -0.14 17.91 34.01
CG MSE C 41 0.69 18.75 34.97
SE MSE C 41 2.12 19.80 34.08
CE MSE C 41 3.73 18.77 34.58
N ILE C 42 1.26 15.27 31.87
CA ILE C 42 1.64 13.87 31.85
C ILE C 42 3.10 13.68 32.28
N PRO C 43 3.33 12.97 33.40
CA PRO C 43 4.69 12.78 33.93
C PRO C 43 5.73 12.32 32.91
N GLY C 44 6.80 13.10 32.80
CA GLY C 44 7.90 12.80 31.87
C GLY C 44 7.81 13.48 30.52
N LEU C 45 6.64 14.02 30.16
CA LEU C 45 6.49 14.70 28.87
C LEU C 45 7.42 15.92 28.76
N ASP C 46 7.55 16.69 29.84
CA ASP C 46 8.45 17.84 29.83
C ASP C 46 9.89 17.40 29.54
N THR C 47 10.32 16.34 30.22
CA THR C 47 11.65 15.79 30.06
C THR C 47 11.85 15.29 28.64
N PHE C 48 10.82 14.67 28.08
CA PHE C 48 10.89 14.16 26.74
C PHE C 48 11.03 15.34 25.78
N SER C 49 10.30 16.41 26.04
CA SER C 49 10.46 17.65 25.29
C SER C 49 11.88 18.20 25.38
N GLU C 50 12.47 18.16 26.56
CA GLU C 50 13.80 18.71 26.80
C GLU C 50 14.82 17.95 25.96
N VAL C 51 14.70 16.63 25.98
CA VAL C 51 15.61 15.78 25.25
C VAL C 51 15.40 15.92 23.75
N LEU C 52 14.14 15.94 23.34
CA LEU C 52 13.78 16.10 21.94
C LEU C 52 14.35 17.38 21.34
N GLU C 53 14.17 18.49 22.05
CA GLU C 53 14.66 19.77 21.59
C GLU C 53 16.18 19.75 21.36
N LYS C 54 16.94 19.14 22.27
CA LYS C 54 18.40 19.06 22.10
C LYS C 54 18.82 18.17 20.94
N CYS C 55 18.07 17.09 20.69
CA CYS C 55 18.35 16.22 19.53
C CYS C 55 18.09 16.90 18.19
N ARG C 56 17.05 17.72 18.12
CA ARG C 56 16.79 18.50 16.92
C ARG C 56 17.82 19.63 16.78
N GLN C 57 18.29 20.14 17.91
CA GLN C 57 19.37 21.14 17.86
C GLN C 57 20.68 20.52 17.32
N TYR C 58 21.06 19.35 17.79
CA TYR C 58 22.25 18.64 17.27
C TYR C 58 21.86 17.31 16.67
N PRO C 59 21.40 17.32 15.40
CA PRO C 59 20.91 16.06 14.82
C PRO C 59 21.97 14.96 14.63
N HIS C 60 23.27 15.31 14.69
CA HIS C 60 24.33 14.29 14.58
C HIS C 60 25.02 13.96 15.85
N ILE C 61 24.54 14.52 16.96
CA ILE C 61 25.11 14.25 18.29
C ILE C 61 25.08 12.76 18.66
N THR C 62 26.01 12.30 19.50
CA THR C 62 25.96 10.94 20.07
C THR C 62 25.35 10.99 21.45
N THR C 63 25.04 9.79 21.97
CA THR C 63 24.45 9.63 23.29
C THR C 63 25.34 10.30 24.35
N GLY C 64 26.61 9.86 24.44
CA GLY C 64 27.62 10.46 25.35
C GLY C 64 27.76 11.98 25.26
N GLN C 65 27.65 12.51 24.05
CA GLN C 65 27.77 13.95 23.84
C GLN C 65 26.50 14.67 24.31
N LEU C 66 25.34 14.04 24.03
CA LEU C 66 24.05 14.58 24.48
C LEU C 66 24.09 14.76 25.98
N LEU C 67 24.56 13.75 26.70
CA LEU C 67 24.51 13.78 28.17
C LEU C 67 25.29 14.92 28.77
N GLU C 68 26.35 15.33 28.07
CA GLU C 68 27.17 16.46 28.51
C GLU C 68 26.36 17.71 28.71
N HIS C 69 25.25 17.83 27.97
CA HIS C 69 24.39 18.99 28.10
C HIS C 69 23.53 19.02 29.33
N TRP C 70 23.60 18.00 30.14
CA TRP C 70 22.74 17.96 31.30
C TRP C 70 23.50 17.96 32.58
N ARG C 71 24.78 18.17 32.50
CA ARG C 71 25.59 18.08 33.67
C ARG C 71 25.28 19.11 34.74
N ASP C 72 25.31 18.68 35.99
CA ASP C 72 24.92 19.50 37.11
C ASP C 72 23.50 19.96 36.95
N SER C 73 22.88 19.63 35.84
CA SER C 73 21.49 19.93 35.66
C SER C 73 20.71 18.99 36.51
N LYS C 74 19.45 19.31 36.69
CA LYS C 74 18.60 18.57 37.58
C LYS C 74 18.28 17.15 37.14
N ASN C 75 18.20 16.90 35.86
CA ASN C 75 17.85 15.57 35.41
C ASN C 75 19.02 14.70 35.08
N GLU C 76 20.23 15.16 35.33
CA GLU C 76 21.40 14.40 34.96
C GLU C 76 21.31 12.92 35.29
N THR C 77 21.09 12.59 36.54
CA THR C 77 21.19 11.17 36.95
C THR C 77 20.09 10.30 36.35
N LEU C 78 18.88 10.84 36.27
CA LEU C 78 17.78 10.16 35.57
C LEU C 78 18.18 9.82 34.12
N LEU C 79 18.59 10.84 33.38
CA LEU C 79 18.97 10.69 31.99
C LEU C 79 20.16 9.78 31.84
N SER C 80 21.05 9.79 32.83
CA SER C 80 22.20 8.88 32.83
C SER C 80 21.76 7.44 33.01
N ARG C 81 20.81 7.24 33.91
CA ARG C 81 20.25 5.94 34.21
C ARG C 81 19.61 5.39 32.93
N LEU C 82 18.78 6.22 32.29
CA LEU C 82 18.11 5.80 31.04
C LEU C 82 19.11 5.49 29.92
N ALA C 83 20.17 6.27 29.82
CA ALA C 83 21.24 6.02 28.86
C ALA C 83 21.72 4.56 28.80
N SER C 84 21.42 3.81 29.82
CA SER C 84 21.75 2.41 29.79
C SER C 84 20.53 1.46 29.87
N TRP C 85 20.43 0.56 28.91
CA TRP C 85 19.32 -0.37 28.86
C TRP C 85 19.37 -1.51 27.81
N GLU C 86 18.29 -1.63 27.05
CA GLU C 86 17.76 -2.89 26.53
C GLU C 86 18.16 -3.40 25.15
N ILE C 87 18.35 -4.70 25.06
CA ILE C 87 19.00 -5.37 23.95
C ILE C 87 18.10 -6.13 22.97
N PRO C 88 18.42 -6.11 21.69
CA PRO C 88 17.53 -6.74 20.74
C PRO C 88 18.07 -8.02 20.20
N LEU C 89 17.26 -9.04 20.27
CA LEU C 89 17.71 -10.36 19.89
C LEU C 89 17.89 -10.08 18.48
N VAL C 90 17.94 -11.11 17.68
CA VAL C 90 18.10 -10.83 16.32
C VAL C 90 16.98 -10.20 15.59
N GLU C 91 16.92 -8.90 15.64
CA GLU C 91 16.04 -8.17 14.81
C GLU C 91 16.48 -6.78 14.87
N ASP C 92 16.66 -6.27 13.68
CA ASP C 92 16.75 -4.90 13.35
C ASP C 92 15.38 -4.25 13.50
N ASN C 93 14.85 -4.22 14.71
CA ASN C 93 13.57 -3.64 14.94
C ASN C 93 13.56 -2.60 16.04
N GLN C 94 14.72 -2.04 16.32
CA GLN C 94 14.90 -0.95 17.29
C GLN C 94 13.92 0.20 17.00
N GLU C 95 13.93 0.65 15.75
CA GLU C 95 13.07 1.75 15.30
C GLU C 95 11.57 1.42 15.42
N GLU C 96 11.18 0.22 14.99
CA GLU C 96 9.83 -0.29 15.20
C GLU C 96 9.44 -0.27 16.69
N LEU C 97 10.37 -0.66 17.59
CA LEU C 97 10.09 -0.65 19.04
C LEU C 97 9.94 0.78 19.57
N PHE C 98 10.78 1.68 19.10
CA PHE C 98 10.64 3.10 19.41
C PHE C 98 9.29 3.67 18.94
N LEU C 99 8.89 3.41 17.70
CA LEU C 99 7.58 3.88 17.20
C LEU C 99 6.37 3.33 17.97
N ASP C 100 6.44 2.10 18.45
CA ASP C 100 5.32 1.51 19.17
C ASP C 100 5.14 2.16 20.53
N SER C 101 6.25 2.43 21.22
CA SER C 101 6.21 3.13 22.50
C SER C 101 5.76 4.59 22.36
N LEU C 102 6.30 5.29 21.36
CA LEU C 102 5.89 6.65 21.05
C LEU C 102 4.39 6.75 20.79
N ASP C 103 3.85 5.76 20.05
CA ASP C 103 2.41 5.73 19.74
C ASP C 103 1.53 5.71 20.99
N LYS C 104 1.92 4.95 22.02
CA LYS C 104 1.25 4.95 23.33
C LYS C 104 1.21 6.34 23.94
N ILE C 105 2.38 6.97 23.98
CA ILE C 105 2.55 8.28 24.55
C ILE C 105 1.67 9.23 23.77
N LEU C 106 1.76 9.18 22.46
CA LEU C 106 0.94 10.02 21.64
C LEU C 106 -0.55 9.76 21.82
N ALA C 107 -0.94 8.53 22.03
CA ALA C 107 -2.35 8.22 22.22
C ALA C 107 -2.82 8.83 23.56
N GLN C 108 -2.03 8.69 24.62
CA GLN C 108 -2.34 9.38 25.86
C GLN C 108 -2.49 10.87 25.66
N CYS C 109 -1.58 11.47 24.91
CA CYS C 109 -1.60 12.89 24.69
C CYS C 109 -2.91 13.31 24.08
N VAL C 110 -3.24 12.65 22.99
CA VAL C 110 -4.48 12.85 22.25
C VAL C 110 -5.73 12.68 23.14
N GLU C 111 -5.73 11.69 24.04
CA GLU C 111 -6.90 11.43 24.87
C GLU C 111 -7.11 12.53 25.89
N LYS C 112 -6.06 12.83 26.64
CA LYS C 112 -6.10 13.91 27.61
C LYS C 112 -6.59 15.19 26.92
N GLN C 113 -6.13 15.44 25.70
CA GLN C 113 -6.46 16.69 25.06
C GLN C 113 -7.91 16.73 24.60
N ILE C 114 -8.41 15.60 24.12
CA ILE C 114 -9.85 15.40 23.91
C ILE C 114 -10.67 15.70 25.17
N GLU C 115 -10.27 15.14 26.32
CA GLU C 115 -10.93 15.46 27.61
C GLU C 115 -10.93 16.93 27.93
N ASN C 116 -9.75 17.56 27.82
CA ASN C 116 -9.65 18.96 28.17
C ASN C 116 -10.51 19.79 27.30
N LEU C 117 -10.51 19.50 26.02
CA LEU C 117 -11.30 20.28 25.09
C LEU C 117 -12.80 20.03 25.31
N GLN C 118 -13.17 18.80 25.61
CA GLN C 118 -14.57 18.52 25.95
C GLN C 118 -14.99 19.27 27.21
N ALA C 119 -14.10 19.32 28.21
CA ALA C 119 -14.37 20.01 29.49
C ALA C 119 -14.53 21.48 29.27
N LYS C 120 -13.70 22.02 28.38
CA LYS C 120 -13.77 23.43 28.10
C LYS C 120 -15.04 23.77 27.34
N GLU C 121 -15.40 22.95 26.36
CA GLU C 121 -16.68 23.07 25.65
C GLU C 121 -17.90 23.15 26.61
N ARG C 122 -17.87 22.38 27.69
CA ARG C 122 -18.96 22.33 28.64
C ARG C 122 -18.97 23.56 29.55
N SER C 123 -17.78 23.99 29.96
CA SER C 123 -17.63 25.03 30.98
C SER C 123 -17.64 26.46 30.42
N VAL C 124 -17.21 26.60 29.17
CA VAL C 124 -17.20 27.86 28.42
C VAL C 124 -17.45 27.30 27.06
N GLY C 125 -17.56 28.11 26.02
CA GLY C 125 -17.62 27.47 24.68
C GLY C 125 -16.28 26.97 24.13
N LEU C 126 -16.29 26.52 22.89
CA LEU C 126 -15.05 26.37 22.12
C LEU C 126 -15.01 27.40 21.01
N SER C 127 -13.85 28.00 20.74
CA SER C 127 -13.66 28.78 19.51
C SER C 127 -13.76 27.81 18.33
N THR C 128 -13.98 28.32 17.13
CA THR C 128 -14.24 27.37 16.03
C THR C 128 -12.98 26.64 15.63
N GLU C 129 -11.84 27.22 15.94
CA GLU C 129 -10.57 26.56 15.76
C GLU C 129 -10.36 25.46 16.81
N GLU C 130 -10.81 25.69 18.03
CA GLU C 130 -10.71 24.65 19.05
C GLU C 130 -11.62 23.50 18.65
N LYS C 131 -12.80 23.82 18.12
CA LYS C 131 -13.76 22.82 17.67
C LYS C 131 -13.11 21.96 16.58
N ARG C 132 -12.45 22.62 15.63
CA ARG C 132 -11.73 21.92 14.59
C ARG C 132 -10.65 21.00 15.14
N GLU C 133 -9.86 21.50 16.10
CA GLU C 133 -8.84 20.68 16.75
C GLU C 133 -9.45 19.41 17.37
N LEU C 134 -10.52 19.60 18.12
CA LEU C 134 -11.25 18.51 18.76
C LEU C 134 -11.71 17.45 17.77
N GLN C 135 -12.37 17.85 16.68
CA GLN C 135 -12.80 16.91 15.59
C GLN C 135 -11.61 16.17 14.99
N ASP C 136 -10.56 16.92 14.69
CA ASP C 136 -9.33 16.39 14.11
C ASP C 136 -8.76 15.30 15.01
N LEU C 137 -8.66 15.57 16.31
CA LEU C 137 -8.13 14.57 17.24
C LEU C 137 -9.04 13.33 17.34
N ILE C 138 -10.35 13.51 17.15
CA ILE C 138 -11.25 12.37 17.27
C ILE C 138 -11.12 11.47 16.02
N LEU C 139 -11.10 12.10 14.85
CA LEU C 139 -10.94 11.36 13.61
C LEU C 139 -9.55 10.77 13.50
N LYS C 140 -8.53 11.61 13.53
CA LYS C 140 -7.17 11.18 13.27
C LYS C 140 -6.43 10.61 14.43
N GLY C 141 -6.84 10.94 15.64
CA GLY C 141 -6.06 10.62 16.80
C GLY C 141 -4.63 11.10 16.70
N LEU C 142 -3.76 10.21 17.12
CA LEU C 142 -2.32 10.26 16.94
C LEU C 142 -1.85 11.05 15.74
N LYS C 143 -2.61 10.95 14.67
CA LYS C 143 -2.21 11.41 13.37
C LYS C 143 -2.43 12.86 13.25
N ALA C 144 -3.19 13.44 14.14
CA ALA C 144 -3.45 14.85 14.02
C ALA C 144 -2.19 15.65 14.22
N LEU C 145 -1.17 15.04 14.78
CA LEU C 145 0.07 15.74 15.12
C LEU C 145 1.27 15.26 14.28
#